data_9EDW
#
_entry.id   9EDW
#
_cell.length_a   92.175
_cell.length_b   92.175
_cell.length_c   118.199
_cell.angle_alpha   90.000
_cell.angle_beta   90.000
_cell.angle_gamma   120.000
#
_symmetry.space_group_name_H-M   'H 3'
#
loop_
_entity.id
_entity.type
_entity.pdbx_description
1 polymer 'Non-specific serine/threonine protein kinase'
2 non-polymer 7-fluoro-2-(4-fluorophenyl)-3-(pyridin-4-yl)imidazo[1,2-a]pyridine
3 non-polymer 'CHLORIDE ION'
4 water water
#
_entity_poly.entity_id   1
_entity_poly.type   'polypeptide(L)'
_entity_poly.pdbx_seq_one_letter_code
;SSVVGLHYKIGKKIGEGSFGVIFEGTNIINGVPVAIKFEPRKTEAPQLRDEYRTYKHLQGCDGIPNAYYFGQEGLHNILV
IDLLGPSLEDLFDWCGRRFSVKTVVQVAIQMLTLVEEVHRHDLIYRDIKPDNFLIGRRGATDENNVHLIDFGMAKQYRDP
RTKQHIPYREKKSLSGTARYMSINTHLGREQSRRDDLEALGHVFFYFLRGQLPWQGLKAPTNKQKYEKIGDKKRTTPAVT
LCDGLPQQFAEYLDSVRSLPFDAEPPYEEYRMLLLSVLDDLGQACDGDMDWMHLNGGRGWDATINKKPN
;
_entity_poly.pdbx_strand_id   A
#
loop_
_chem_comp.id
_chem_comp.type
_chem_comp.name
_chem_comp.formula
A1BIP non-polymer 7-fluoro-2-(4-fluorophenyl)-3-(pyridin-4-yl)imidazo[1,2-a]pyridine 'C18 H11 F2 N3'
CL non-polymer 'CHLORIDE ION' 'Cl -1'
#
# COMPACT_ATOMS: atom_id res chain seq x y z
N SER A 1 19.83 14.50 24.05
CA SER A 1 18.59 14.24 24.77
C SER A 1 17.75 13.19 24.06
N SER A 2 16.95 12.46 24.81
CA SER A 2 16.13 11.38 24.28
C SER A 2 14.76 11.85 23.80
N VAL A 3 14.40 13.11 24.02
CA VAL A 3 13.09 13.64 23.67
C VAL A 3 13.23 14.50 22.42
N VAL A 4 12.45 14.16 21.39
CA VAL A 4 12.36 14.97 20.17
C VAL A 4 10.91 15.37 19.99
N GLY A 5 10.72 16.43 19.19
CA GLY A 5 9.38 16.93 18.96
C GLY A 5 8.67 17.43 20.19
N LEU A 6 9.42 17.81 21.23
CA LEU A 6 8.93 18.35 22.49
C LEU A 6 8.28 17.28 23.36
N HIS A 7 7.39 16.47 22.77
CA HIS A 7 6.51 15.60 23.54
C HIS A 7 6.67 14.12 23.21
N TYR A 8 7.79 13.72 22.59
CA TYR A 8 7.91 12.35 22.10
C TYR A 8 9.25 11.76 22.47
N LYS A 9 9.22 10.69 23.27
CA LYS A 9 10.43 9.97 23.66
C LYS A 9 10.77 8.90 22.61
N ILE A 10 12.05 8.79 22.30
CA ILE A 10 12.53 7.79 21.36
C ILE A 10 12.69 6.46 22.08
N GLY A 11 12.13 5.40 21.50
CA GLY A 11 12.26 4.07 22.05
C GLY A 11 13.12 3.16 21.21
N LYS A 12 12.61 1.98 20.89
CA LYS A 12 13.37 1.03 20.08
C LYS A 12 13.24 1.39 18.60
N LYS A 13 14.19 0.88 17.82
CA LYS A 13 14.20 1.10 16.38
C LYS A 13 13.31 0.10 15.67
N ILE A 14 12.41 0.59 14.84
CA ILE A 14 11.74 -0.23 13.83
C ILE A 14 12.17 0.29 12.47
N GLY A 15 12.38 -0.61 11.52
CA GLY A 15 12.94 -0.19 10.25
C GLY A 15 11.93 -0.19 9.12
N GLU A 16 12.19 -1.05 8.14
CA GLU A 16 11.31 -1.34 7.00
C GLU A 16 11.12 -0.16 6.06
N GLY A 17 11.89 0.92 6.21
CA GLY A 17 11.85 2.00 5.25
C GLY A 17 13.24 2.30 4.72
N SER A 18 13.78 1.38 3.93
CA SER A 18 15.21 1.36 3.57
C SER A 18 15.95 1.25 4.91
N PHE A 19 16.99 2.04 5.14
CA PHE A 19 17.53 2.22 6.48
C PHE A 19 17.15 3.60 7.04
N GLY A 20 16.02 4.13 6.59
CA GLY A 20 15.47 5.34 7.17
C GLY A 20 15.31 5.17 8.66
N VAL A 21 15.79 6.14 9.43
CA VAL A 21 15.87 6.03 10.87
C VAL A 21 14.48 6.16 11.48
N ILE A 22 13.75 5.05 11.53
CA ILE A 22 12.41 5.01 12.12
C ILE A 22 12.54 4.42 13.50
N PHE A 23 11.65 4.84 14.40
CA PHE A 23 11.65 4.38 15.78
C PHE A 23 10.22 4.23 16.27
N GLU A 24 10.06 3.45 17.32
CA GLU A 24 8.85 3.50 18.13
C GLU A 24 8.99 4.63 19.14
N GLY A 25 7.91 5.39 19.33
CA GLY A 25 7.91 6.50 20.26
C GLY A 25 6.80 6.36 21.28
N THR A 26 6.81 7.29 22.24
CA THR A 26 5.77 7.38 23.26
C THR A 26 5.57 8.84 23.60
N ASN A 27 4.35 9.34 23.39
CA ASN A 27 4.02 10.70 23.79
C ASN A 27 4.10 10.80 25.31
N ILE A 28 5.03 11.63 25.81
CA ILE A 28 5.28 11.70 27.24
C ILE A 28 4.17 12.47 27.95
N ILE A 29 3.19 12.93 27.19
CA ILE A 29 2.04 13.63 27.76
C ILE A 29 0.93 12.66 28.12
N ASN A 30 0.53 11.80 27.18
CA ASN A 30 -0.58 10.88 27.42
C ASN A 30 -0.20 9.41 27.38
N GLY A 31 0.97 9.05 26.86
CA GLY A 31 1.42 7.67 26.84
C GLY A 31 1.12 6.92 25.56
N VAL A 32 0.49 7.54 24.58
CA VAL A 32 0.16 6.84 23.34
C VAL A 32 1.45 6.62 22.54
N PRO A 33 1.60 5.47 21.88
CA PRO A 33 2.79 5.23 21.06
C PRO A 33 2.67 5.81 19.66
N VAL A 34 3.83 6.18 19.11
CA VAL A 34 3.92 6.82 17.80
C VAL A 34 5.00 6.11 16.99
N ALA A 35 5.13 6.53 15.73
CA ALA A 35 6.18 6.04 14.84
C ALA A 35 6.98 7.26 14.37
N ILE A 36 8.17 7.43 14.93
CA ILE A 36 9.02 8.57 14.64
C ILE A 36 9.84 8.27 13.40
N LYS A 37 9.93 9.25 12.49
CA LYS A 37 10.67 9.10 11.24
C LYS A 37 11.73 10.19 11.16
N PHE A 38 12.99 9.76 11.03
CA PHE A 38 14.11 10.66 10.83
C PHE A 38 14.48 10.72 9.35
N GLU A 39 15.21 11.77 8.98
CA GLU A 39 15.69 11.93 7.62
C GLU A 39 16.96 12.76 7.68
N PRO A 40 18.06 12.27 7.11
CA PRO A 40 19.32 13.03 7.16
C PRO A 40 19.20 14.36 6.42
N ARG A 41 19.70 15.41 7.04
CA ARG A 41 19.65 16.74 6.46
C ARG A 41 20.68 16.87 5.34
N LYS A 42 20.38 17.76 4.39
CA LYS A 42 21.25 18.03 3.25
C LYS A 42 21.56 16.73 2.49
N THR A 43 20.52 15.96 2.22
CA THR A 43 20.63 14.71 1.49
C THR A 43 20.26 14.93 0.02
N GLU A 44 20.49 13.90 -0.79
CA GLU A 44 20.24 14.00 -2.23
C GLU A 44 18.77 13.87 -2.58
N ALA A 45 17.94 13.35 -1.67
CA ALA A 45 16.52 13.14 -1.92
C ALA A 45 15.71 13.63 -0.72
N PRO A 46 15.42 14.92 -0.65
CA PRO A 46 14.57 15.45 0.44
C PRO A 46 13.10 15.27 0.09
N GLN A 47 12.39 14.46 0.89
CA GLN A 47 10.97 14.22 0.67
C GLN A 47 10.16 14.18 1.94
N LEU A 48 10.77 14.42 3.11
CA LEU A 48 10.03 14.36 4.36
C LEU A 48 9.16 15.59 4.57
N ARG A 49 9.64 16.76 4.13
CA ARG A 49 8.87 17.98 4.30
C ARG A 49 7.54 17.92 3.55
N ASP A 50 7.50 17.17 2.44
CA ASP A 50 6.28 17.06 1.67
C ASP A 50 5.40 15.90 2.11
N GLU A 51 5.99 14.84 2.66
CA GLU A 51 5.18 13.74 3.19
C GLU A 51 4.33 14.20 4.35
N TYR A 52 4.84 15.12 5.18
CA TYR A 52 4.03 15.71 6.24
C TYR A 52 2.79 16.37 5.65
N ARG A 53 2.98 17.27 4.68
CA ARG A 53 1.85 18.02 4.14
C ARG A 53 0.82 17.11 3.49
N THR A 54 1.24 15.91 3.06
CA THR A 54 0.27 14.96 2.50
C THR A 54 -0.60 14.37 3.60
N TYR A 55 -0.03 14.13 4.79
CA TYR A 55 -0.82 13.57 5.88
C TYR A 55 -1.81 14.60 6.44
N LYS A 56 -1.45 15.88 6.45
CA LYS A 56 -2.40 16.91 6.86
C LYS A 56 -3.53 17.04 5.86
N HIS A 57 -3.22 16.91 4.57
CA HIS A 57 -4.26 16.98 3.54
C HIS A 57 -5.28 15.86 3.73
N LEU A 58 -4.80 14.65 3.97
CA LEU A 58 -5.66 13.49 4.20
C LEU A 58 -6.03 13.31 5.66
N GLN A 59 -5.79 14.32 6.50
CA GLN A 59 -6.13 14.21 7.91
C GLN A 59 -7.65 14.17 8.08
N GLY A 60 -8.12 13.22 8.89
CA GLY A 60 -9.53 12.97 9.04
C GLY A 60 -10.05 11.81 8.21
N CYS A 61 -9.27 11.32 7.26
CA CYS A 61 -9.69 10.20 6.43
C CYS A 61 -9.44 8.89 7.15
N ASP A 62 -10.36 7.94 6.99
CA ASP A 62 -10.20 6.64 7.63
C ASP A 62 -9.07 5.85 6.98
N GLY A 63 -8.24 5.24 7.82
CA GLY A 63 -7.12 4.44 7.38
C GLY A 63 -5.81 5.19 7.18
N ILE A 64 -5.85 6.52 7.20
CA ILE A 64 -4.64 7.34 7.08
C ILE A 64 -4.29 7.84 8.48
N PRO A 65 -3.08 7.58 8.98
CA PRO A 65 -2.73 8.03 10.33
C PRO A 65 -2.57 9.54 10.38
N ASN A 66 -2.60 10.06 11.61
CA ASN A 66 -2.44 11.48 11.85
C ASN A 66 -0.96 11.85 11.94
N ALA A 67 -0.66 13.08 11.51
CA ALA A 67 0.68 13.65 11.65
C ALA A 67 0.66 14.63 12.81
N TYR A 68 1.65 14.51 13.69
CA TYR A 68 1.65 15.26 14.94
C TYR A 68 2.75 16.30 15.06
N TYR A 69 3.89 16.12 14.37
CA TYR A 69 5.00 17.05 14.54
C TYR A 69 5.92 16.97 13.33
N PHE A 70 6.54 18.12 13.01
CA PHE A 70 7.64 18.18 12.06
C PHE A 70 8.44 19.43 12.35
N GLY A 71 9.75 19.26 12.48
CA GLY A 71 10.63 20.39 12.74
C GLY A 71 12.08 19.98 12.62
N GLN A 72 12.95 20.98 12.73
CA GLN A 72 14.38 20.74 12.69
C GLN A 72 14.88 20.32 14.06
N GLU A 73 15.85 19.40 14.08
CA GLU A 73 16.44 18.95 15.34
C GLU A 73 17.86 18.46 15.02
N GLY A 74 18.84 19.30 15.29
CA GLY A 74 20.21 19.03 14.91
C GLY A 74 20.40 19.00 13.41
N LEU A 75 20.79 17.85 12.88
CA LEU A 75 20.98 17.66 11.44
C LEU A 75 20.01 16.61 10.91
N HIS A 76 18.76 16.68 11.37
CA HIS A 76 17.75 15.68 11.01
C HIS A 76 16.39 16.36 10.86
N ASN A 77 15.55 15.71 10.04
CA ASN A 77 14.14 16.14 9.90
C ASN A 77 13.35 15.02 10.58
N ILE A 78 12.31 15.36 11.35
CA ILE A 78 11.59 14.39 12.15
C ILE A 78 10.09 14.52 11.87
N LEU A 79 9.43 13.38 11.62
CA LEU A 79 7.99 13.34 11.39
C LEU A 79 7.38 12.30 12.33
N VAL A 80 6.46 12.74 13.18
CA VAL A 80 5.79 11.87 14.14
C VAL A 80 4.39 11.59 13.61
N ILE A 81 4.06 10.31 13.46
CA ILE A 81 2.73 9.87 13.08
C ILE A 81 2.31 8.72 13.99
N ASP A 82 1.13 8.17 13.73
CA ASP A 82 0.60 7.07 14.53
C ASP A 82 1.42 5.80 14.32
N LEU A 83 1.46 4.98 15.36
CA LEU A 83 2.11 3.67 15.29
C LEU A 83 1.06 2.61 14.96
N LEU A 84 1.36 1.80 13.95
CA LEU A 84 0.44 0.79 13.46
C LEU A 84 1.06 -0.60 13.57
N GLY A 85 0.29 -1.61 13.21
CA GLY A 85 0.69 -2.99 13.35
C GLY A 85 1.44 -3.52 12.14
N PRO A 86 1.50 -4.84 12.02
CA PRO A 86 2.28 -5.45 10.94
C PRO A 86 1.68 -5.15 9.57
N SER A 87 2.51 -5.35 8.55
CA SER A 87 2.09 -5.14 7.17
C SER A 87 1.37 -6.37 6.64
N LEU A 88 0.66 -6.19 5.52
CA LEU A 88 0.03 -7.31 4.86
C LEU A 88 1.07 -8.30 4.33
N GLU A 89 2.28 -7.81 4.03
CA GLU A 89 3.36 -8.71 3.68
C GLU A 89 3.83 -9.51 4.88
N ASP A 90 3.81 -8.90 6.08
CA ASP A 90 4.19 -9.61 7.29
C ASP A 90 3.18 -10.70 7.62
N LEU A 91 1.89 -10.36 7.62
CA LEU A 91 0.85 -11.36 7.87
C LEU A 91 0.81 -12.41 6.77
N PHE A 92 1.26 -12.06 5.56
CA PHE A 92 1.29 -13.02 4.47
C PHE A 92 2.29 -14.13 4.75
N ASP A 93 3.50 -13.75 5.17
CA ASP A 93 4.54 -14.73 5.49
C ASP A 93 4.12 -15.64 6.64
N TRP A 94 3.39 -15.09 7.61
CA TRP A 94 3.05 -15.84 8.81
C TRP A 94 1.90 -16.82 8.59
N CYS A 95 1.13 -16.66 7.51
CA CYS A 95 0.05 -17.57 7.17
C CYS A 95 0.47 -18.62 6.15
N GLY A 96 1.77 -18.76 5.88
CA GLY A 96 2.24 -19.70 4.90
C GLY A 96 2.37 -19.14 3.50
N ARG A 97 2.45 -17.82 3.35
CA ARG A 97 2.57 -17.17 2.05
C ARG A 97 1.40 -17.51 1.13
N ARG A 98 0.19 -17.51 1.70
CA ARG A 98 -1.03 -17.79 0.94
C ARG A 98 -2.22 -17.35 1.77
N PHE A 99 -3.10 -16.55 1.17
CA PHE A 99 -4.31 -16.08 1.81
C PHE A 99 -5.53 -16.77 1.20
N SER A 100 -6.54 -17.04 2.02
CA SER A 100 -7.75 -17.65 1.52
C SER A 100 -8.54 -16.64 0.68
N VAL A 101 -9.62 -17.11 0.06
CA VAL A 101 -10.38 -16.25 -0.84
C VAL A 101 -11.12 -15.17 -0.05
N LYS A 102 -11.66 -15.54 1.12
CA LYS A 102 -12.46 -14.59 1.88
C LYS A 102 -11.62 -13.43 2.40
N THR A 103 -10.40 -13.72 2.85
CA THR A 103 -9.53 -12.65 3.35
C THR A 103 -8.99 -11.79 2.22
N VAL A 104 -8.70 -12.38 1.06
CA VAL A 104 -8.26 -11.57 -0.07
C VAL A 104 -9.38 -10.64 -0.52
N VAL A 105 -10.62 -11.14 -0.52
CA VAL A 105 -11.76 -10.31 -0.89
C VAL A 105 -11.96 -9.19 0.11
N GLN A 106 -12.03 -9.53 1.40
CA GLN A 106 -12.32 -8.54 2.43
C GLN A 106 -11.23 -7.47 2.49
N VAL A 107 -9.97 -7.87 2.34
CA VAL A 107 -8.89 -6.88 2.31
C VAL A 107 -8.97 -6.04 1.04
N ALA A 108 -9.29 -6.68 -0.09
CA ALA A 108 -9.35 -5.96 -1.36
C ALA A 108 -10.32 -4.79 -1.30
N ILE A 109 -11.48 -5.00 -0.68
CA ILE A 109 -12.50 -3.96 -0.61
C ILE A 109 -12.01 -2.78 0.21
N GLN A 110 -11.28 -3.05 1.30
CA GLN A 110 -10.74 -1.95 2.11
C GLN A 110 -9.62 -1.22 1.38
N MET A 111 -8.79 -1.95 0.64
CA MET A 111 -7.72 -1.30 -0.12
C MET A 111 -8.28 -0.40 -1.21
N LEU A 112 -9.37 -0.82 -1.84
CA LEU A 112 -10.00 0.00 -2.86
C LEU A 112 -10.56 1.29 -2.27
N THR A 113 -11.11 1.22 -1.06
CA THR A 113 -11.67 2.41 -0.43
C THR A 113 -10.56 3.38 -0.02
N LEU A 114 -9.44 2.87 0.48
CA LEU A 114 -8.33 3.73 0.86
C LEU A 114 -7.76 4.45 -0.36
N VAL A 115 -7.62 3.74 -1.47
CA VAL A 115 -7.07 4.34 -2.68
C VAL A 115 -8.03 5.39 -3.25
N GLU A 116 -9.33 5.13 -3.17
CA GLU A 116 -10.31 6.09 -3.67
C GLU A 116 -10.27 7.38 -2.87
N GLU A 117 -10.12 7.29 -1.55
CA GLU A 117 -10.03 8.50 -0.73
C GLU A 117 -8.80 9.31 -1.09
N VAL A 118 -7.70 8.65 -1.41
CA VAL A 118 -6.51 9.35 -1.88
C VAL A 118 -6.80 10.06 -3.20
N HIS A 119 -7.58 9.41 -4.07
CA HIS A 119 -7.90 10.01 -5.37
C HIS A 119 -8.89 11.16 -5.24
N ARG A 120 -9.79 11.10 -4.25
CA ARG A 120 -10.71 12.22 -4.04
C ARG A 120 -9.99 13.47 -3.55
N HIS A 121 -8.82 13.32 -2.94
CA HIS A 121 -8.00 14.44 -2.52
C HIS A 121 -6.95 14.82 -3.57
N ASP A 122 -7.20 14.50 -4.83
CA ASP A 122 -6.37 14.92 -5.96
C ASP A 122 -4.96 14.33 -5.90
N LEU A 123 -4.83 13.10 -5.40
CA LEU A 123 -3.54 12.42 -5.28
C LEU A 123 -3.64 11.01 -5.84
N ILE A 124 -2.57 10.55 -6.49
CA ILE A 124 -2.40 9.14 -6.82
C ILE A 124 -1.18 8.63 -6.06
N TYR A 125 -1.13 7.32 -5.83
CA TYR A 125 -0.19 6.76 -4.87
C TYR A 125 1.16 6.41 -5.51
N ARG A 126 1.15 5.69 -6.63
CA ARG A 126 2.34 5.34 -7.41
C ARG A 126 3.34 4.49 -6.64
N ASP A 127 2.89 3.67 -5.69
CA ASP A 127 3.79 2.76 -4.99
C ASP A 127 3.00 1.66 -4.28
N ILE A 128 1.97 1.14 -4.95
CA ILE A 128 1.09 0.16 -4.34
C ILE A 128 1.87 -1.12 -4.05
N LYS A 129 1.90 -1.52 -2.79
CA LYS A 129 2.51 -2.78 -2.38
C LYS A 129 1.96 -3.15 -1.00
N PRO A 130 1.82 -4.43 -0.70
CA PRO A 130 1.29 -4.82 0.62
C PRO A 130 2.17 -4.40 1.78
N ASP A 131 3.46 -4.14 1.53
CA ASP A 131 4.36 -3.71 2.60
C ASP A 131 3.94 -2.38 3.19
N ASN A 132 3.20 -1.55 2.44
CA ASN A 132 2.75 -0.25 2.90
C ASN A 132 1.34 -0.26 3.47
N PHE A 133 0.69 -1.43 3.50
CA PHE A 133 -0.63 -1.57 4.11
C PHE A 133 -0.47 -2.30 5.44
N LEU A 134 -0.79 -1.61 6.53
CA LEU A 134 -0.63 -2.16 7.87
C LEU A 134 -1.98 -2.22 8.58
N ILE A 135 -2.12 -3.20 9.47
CA ILE A 135 -3.28 -3.25 10.36
C ILE A 135 -3.03 -2.34 11.55
N GLY A 136 -3.91 -2.38 12.53
CA GLY A 136 -3.76 -1.61 13.74
C GLY A 136 -2.99 -2.36 14.81
N ARG A 137 -3.08 -1.85 16.03
CA ARG A 137 -2.42 -2.46 17.18
C ARG A 137 -3.39 -3.34 17.95
N ARG A 138 -2.80 -4.27 18.70
CA ARG A 138 -3.59 -5.19 19.50
C ARG A 138 -4.44 -4.46 20.53
N GLY A 139 -5.67 -4.92 20.71
CA GLY A 139 -6.58 -4.33 21.67
C GLY A 139 -7.25 -3.04 21.24
N ALA A 140 -6.88 -2.49 20.08
CA ALA A 140 -7.46 -1.25 19.60
C ALA A 140 -8.73 -1.53 18.78
N THR A 141 -9.52 -0.49 18.57
CA THR A 141 -10.76 -0.64 17.81
C THR A 141 -10.48 -0.87 16.33
N ASP A 142 -9.38 -0.35 15.82
CA ASP A 142 -8.94 -0.58 14.45
C ASP A 142 -7.82 -1.60 14.38
N GLU A 143 -7.91 -2.65 15.22
CA GLU A 143 -6.81 -3.61 15.34
C GLU A 143 -6.60 -4.37 14.03
N ASN A 144 -7.69 -4.72 13.34
CA ASN A 144 -7.60 -5.52 12.13
C ASN A 144 -8.14 -4.80 10.90
N ASN A 145 -8.29 -3.48 10.97
CA ASN A 145 -8.60 -2.69 9.79
C ASN A 145 -7.33 -2.38 9.01
N VAL A 146 -7.49 -2.20 7.71
CA VAL A 146 -6.36 -1.95 6.81
C VAL A 146 -6.11 -0.45 6.74
N HIS A 147 -4.84 -0.07 6.88
CA HIS A 147 -4.40 1.31 6.83
C HIS A 147 -3.42 1.50 5.69
N LEU A 148 -3.24 2.75 5.25
CA LEU A 148 -2.33 3.10 4.18
C LEU A 148 -1.36 4.16 4.67
N ILE A 149 -0.06 3.92 4.47
CA ILE A 149 0.99 4.80 4.94
C ILE A 149 1.98 5.04 3.81
N ASP A 150 3.03 5.81 4.10
CA ASP A 150 4.13 6.10 3.18
C ASP A 150 3.63 6.73 1.88
N PHE A 151 3.63 8.06 1.81
CA PHE A 151 3.19 8.78 0.63
C PHE A 151 4.34 9.55 -0.02
N GLY A 152 5.57 9.06 0.14
CA GLY A 152 6.71 9.66 -0.52
C GLY A 152 6.67 9.55 -2.03
N MET A 153 5.82 8.68 -2.56
CA MET A 153 5.66 8.52 -4.01
C MET A 153 4.33 9.05 -4.50
N ALA A 154 3.55 9.72 -3.65
CA ALA A 154 2.22 10.18 -4.04
C ALA A 154 2.35 11.33 -5.01
N LYS A 155 1.49 11.35 -6.02
CA LYS A 155 1.57 12.41 -7.01
C LYS A 155 0.19 12.98 -7.34
N GLN A 156 0.04 14.25 -7.00
CA GLN A 156 -0.94 15.15 -7.60
C GLN A 156 -1.18 14.83 -9.09
N TYR A 157 -2.46 14.70 -9.46
CA TYR A 157 -2.84 14.39 -10.84
C TYR A 157 -3.88 15.34 -11.45
N ARG A 158 -4.47 16.24 -10.66
CA ARG A 158 -5.44 17.19 -11.18
C ARG A 158 -5.42 18.43 -10.31
N ASP A 159 -5.84 19.56 -10.91
CA ASP A 159 -5.86 20.81 -10.18
C ASP A 159 -6.89 20.75 -9.06
N PRO A 160 -6.57 21.28 -7.88
CA PRO A 160 -7.53 21.25 -6.78
C PRO A 160 -8.74 22.14 -6.98
N ARG A 161 -8.70 23.08 -7.93
CA ARG A 161 -9.82 24.00 -8.13
C ARG A 161 -10.52 23.87 -9.47
N THR A 162 -9.80 23.49 -10.53
CA THR A 162 -10.43 23.23 -11.81
C THR A 162 -10.66 21.73 -12.06
N LYS A 163 -10.04 20.87 -11.25
CA LYS A 163 -10.16 19.42 -11.39
C LYS A 163 -9.77 18.95 -12.79
N GLN A 164 -8.81 19.63 -13.41
CA GLN A 164 -8.34 19.26 -14.74
C GLN A 164 -7.17 18.30 -14.63
N HIS A 165 -7.27 17.16 -15.31
CA HIS A 165 -6.26 16.13 -15.25
C HIS A 165 -4.93 16.65 -15.82
N ILE A 166 -3.85 16.02 -15.41
CA ILE A 166 -2.52 16.32 -15.93
C ILE A 166 -2.44 15.80 -17.37
N PRO A 167 -1.72 16.47 -18.26
CA PRO A 167 -1.61 15.99 -19.64
C PRO A 167 -0.87 14.66 -19.71
N TYR A 168 -1.25 13.86 -20.69
CA TYR A 168 -0.57 12.59 -20.93
C TYR A 168 0.82 12.83 -21.49
N ARG A 169 1.79 12.03 -21.05
CA ARG A 169 3.14 12.10 -21.58
C ARG A 169 3.81 10.74 -21.39
N GLU A 170 5.00 10.60 -21.97
CA GLU A 170 5.75 9.35 -21.93
C GLU A 170 7.20 9.67 -21.62
N LYS A 171 8.07 8.68 -21.83
CA LYS A 171 9.51 8.80 -21.63
C LYS A 171 9.85 9.25 -20.21
N LYS A 172 9.36 8.50 -19.23
CA LYS A 172 9.59 8.78 -17.83
C LYS A 172 10.45 7.68 -17.22
N SER A 173 11.07 8.00 -16.09
CA SER A 173 11.88 7.02 -15.38
C SER A 173 10.99 6.01 -14.67
N LEU A 174 11.42 4.74 -14.68
CA LEU A 174 10.67 3.70 -14.02
C LEU A 174 10.59 3.96 -12.52
N SER A 175 9.37 4.01 -12.00
CA SER A 175 9.13 4.39 -10.61
C SER A 175 8.18 3.38 -9.96
N GLY A 176 8.65 2.68 -8.94
CA GLY A 176 7.86 1.74 -8.18
C GLY A 176 8.58 0.41 -8.04
N THR A 177 7.84 -0.59 -7.61
CA THR A 177 8.35 -1.95 -7.48
C THR A 177 7.91 -2.76 -8.69
N ALA A 178 8.89 -3.42 -9.35
CA ALA A 178 8.63 -4.09 -10.61
C ALA A 178 7.62 -5.23 -10.49
N ARG A 179 7.43 -5.79 -9.30
CA ARG A 179 6.56 -6.95 -9.16
C ARG A 179 5.08 -6.57 -9.24
N TYR A 180 4.73 -5.32 -8.92
CA TYR A 180 3.33 -4.92 -8.83
C TYR A 180 2.95 -3.75 -9.73
N MET A 181 3.92 -3.05 -10.33
CA MET A 181 3.60 -1.88 -11.13
C MET A 181 2.80 -2.25 -12.36
N SER A 182 2.06 -1.28 -12.88
CA SER A 182 1.18 -1.53 -14.02
C SER A 182 1.99 -1.72 -15.29
N ILE A 183 1.30 -2.15 -16.35
CA ILE A 183 1.94 -2.26 -17.66
C ILE A 183 2.30 -0.88 -18.19
N ASN A 184 1.44 0.12 -17.93
CA ASN A 184 1.72 1.47 -18.41
C ASN A 184 2.96 2.06 -17.76
N THR A 185 3.27 1.66 -16.52
CA THR A 185 4.47 2.18 -15.88
C THR A 185 5.71 1.55 -16.49
N HIS A 186 5.65 0.27 -16.85
CA HIS A 186 6.77 -0.38 -17.51
C HIS A 186 7.12 0.30 -18.83
N LEU A 187 6.11 0.81 -19.53
CA LEU A 187 6.30 1.48 -20.82
C LEU A 187 6.71 2.94 -20.68
N GLY A 188 6.98 3.40 -19.46
CA GLY A 188 7.39 4.77 -19.27
C GLY A 188 6.30 5.80 -19.50
N ARG A 189 5.04 5.42 -19.32
CA ARG A 189 3.93 6.35 -19.52
C ARG A 189 3.57 7.04 -18.21
N GLU A 190 2.90 8.19 -18.34
CA GLU A 190 2.42 8.90 -17.17
C GLU A 190 1.39 8.07 -16.43
N GLN A 191 1.52 8.02 -15.10
CA GLN A 191 0.60 7.26 -14.28
C GLN A 191 -0.61 8.13 -13.91
N SER A 192 -1.74 7.47 -13.71
CA SER A 192 -2.97 8.15 -13.31
C SER A 192 -3.68 7.25 -12.30
N ARG A 193 -4.99 7.44 -12.17
CA ARG A 193 -5.77 6.65 -11.22
C ARG A 193 -5.81 5.18 -11.63
N ARG A 194 -5.93 4.90 -12.93
CA ARG A 194 -6.07 3.53 -13.39
C ARG A 194 -4.87 2.66 -13.04
N ASP A 195 -3.69 3.26 -12.83
CA ASP A 195 -2.51 2.46 -12.57
C ASP A 195 -2.41 2.02 -11.11
N ASP A 196 -2.91 2.82 -10.17
CA ASP A 196 -3.02 2.36 -8.79
C ASP A 196 -3.95 1.17 -8.68
N LEU A 197 -5.02 1.17 -9.48
CA LEU A 197 -6.01 0.09 -9.43
C LEU A 197 -5.50 -1.17 -10.10
N GLU A 198 -4.71 -1.05 -11.16
CA GLU A 198 -4.10 -2.24 -11.77
C GLU A 198 -3.04 -2.83 -10.85
N ALA A 199 -2.28 -1.98 -10.16
CA ALA A 199 -1.32 -2.48 -9.19
C ALA A 199 -2.01 -3.23 -8.06
N LEU A 200 -3.17 -2.74 -7.62
CA LEU A 200 -3.98 -3.48 -6.64
C LEU A 200 -4.42 -4.81 -7.20
N GLY A 201 -4.66 -4.89 -8.51
CA GLY A 201 -5.05 -6.16 -9.10
C GLY A 201 -3.93 -7.20 -9.06
N HIS A 202 -2.69 -6.76 -9.24
CA HIS A 202 -1.56 -7.68 -9.17
C HIS A 202 -1.34 -8.18 -7.74
N VAL A 203 -1.65 -7.35 -6.74
CA VAL A 203 -1.48 -7.77 -5.35
C VAL A 203 -2.50 -8.85 -4.99
N PHE A 204 -3.71 -8.76 -5.54
CA PHE A 204 -4.73 -9.76 -5.22
C PHE A 204 -4.31 -11.14 -5.70
N PHE A 205 -3.88 -11.25 -6.96
CA PHE A 205 -3.38 -12.53 -7.45
C PHE A 205 -2.13 -12.98 -6.70
N TYR A 206 -1.34 -12.03 -6.20
CA TYR A 206 -0.19 -12.38 -5.39
C TYR A 206 -0.60 -13.04 -4.09
N PHE A 207 -1.72 -12.59 -3.50
CA PHE A 207 -2.20 -13.19 -2.27
C PHE A 207 -2.83 -14.56 -2.53
N LEU A 208 -3.60 -14.69 -3.60
CA LEU A 208 -4.31 -15.95 -3.86
C LEU A 208 -3.35 -17.06 -4.26
N ARG A 209 -2.48 -16.79 -5.23
CA ARG A 209 -1.59 -17.80 -5.76
C ARG A 209 -0.37 -18.02 -4.89
N GLY A 210 -0.05 -17.07 -4.02
CA GLY A 210 1.18 -17.11 -3.27
C GLY A 210 2.38 -16.59 -4.05
N GLN A 211 2.33 -16.63 -5.38
CA GLN A 211 3.39 -16.11 -6.22
C GLN A 211 2.79 -15.58 -7.51
N LEU A 212 3.59 -14.82 -8.26
CA LEU A 212 3.22 -14.37 -9.59
C LEU A 212 4.17 -14.95 -10.62
N PRO A 213 3.69 -15.24 -11.83
CA PRO A 213 4.55 -15.90 -12.83
C PRO A 213 5.77 -15.08 -13.21
N TRP A 214 5.74 -13.77 -13.04
CA TRP A 214 6.90 -12.92 -13.34
C TRP A 214 7.74 -12.67 -12.10
N GLN A 215 8.05 -13.73 -11.36
CA GLN A 215 8.95 -13.68 -10.23
C GLN A 215 10.11 -14.63 -10.47
N GLY A 216 11.33 -14.14 -10.26
CA GLY A 216 12.51 -14.97 -10.39
C GLY A 216 13.10 -15.05 -11.78
N LEU A 217 12.96 -14.00 -12.58
CA LEU A 217 13.53 -14.01 -13.93
C LEU A 217 15.00 -13.63 -13.88
N LYS A 218 15.74 -14.09 -14.88
CA LYS A 218 17.17 -13.84 -14.98
C LYS A 218 17.44 -12.77 -16.03
N ALA A 219 18.25 -11.78 -15.66
CA ALA A 219 18.64 -10.73 -16.60
C ALA A 219 19.99 -10.19 -16.17
N PRO A 220 20.90 -9.91 -17.10
CA PRO A 220 22.24 -9.43 -16.68
C PRO A 220 22.19 -8.08 -15.98
N THR A 221 21.41 -7.14 -16.49
CA THR A 221 21.30 -5.82 -15.90
C THR A 221 19.96 -5.66 -15.20
N ASN A 222 19.79 -4.49 -14.58
CA ASN A 222 18.54 -4.17 -13.90
C ASN A 222 17.48 -3.71 -14.89
N LYS A 223 17.87 -2.90 -15.88
CA LYS A 223 16.91 -2.39 -16.86
C LYS A 223 16.30 -3.51 -17.68
N GLN A 224 17.10 -4.50 -18.06
CA GLN A 224 16.60 -5.61 -18.87
C GLN A 224 15.70 -6.55 -18.06
N LYS A 225 15.82 -6.54 -16.73
CA LYS A 225 14.93 -7.33 -15.90
C LYS A 225 13.53 -6.73 -15.83
N TYR A 226 13.45 -5.40 -15.76
CA TYR A 226 12.14 -4.74 -15.75
C TYR A 226 11.45 -4.90 -17.10
N GLU A 227 12.22 -4.89 -18.19
CA GLU A 227 11.63 -5.16 -19.50
C GLU A 227 11.12 -6.59 -19.58
N LYS A 228 11.92 -7.56 -19.14
CA LYS A 228 11.47 -8.95 -19.19
C LYS A 228 10.29 -9.18 -18.27
N ILE A 229 10.19 -8.45 -17.17
CA ILE A 229 9.04 -8.59 -16.27
C ILE A 229 7.79 -8.02 -16.93
N GLY A 230 7.90 -6.82 -17.51
CA GLY A 230 6.76 -6.23 -18.18
C GLY A 230 6.33 -7.01 -19.41
N ASP A 231 7.26 -7.72 -20.04
CA ASP A 231 6.92 -8.56 -21.18
C ASP A 231 6.03 -9.72 -20.76
N LYS A 232 6.34 -10.35 -19.62
CA LYS A 232 5.51 -11.47 -19.16
C LYS A 232 4.10 -11.02 -18.83
N LYS A 233 3.93 -9.73 -18.48
CA LYS A 233 2.60 -9.24 -18.15
C LYS A 233 1.74 -9.05 -19.38
N ARG A 234 2.35 -8.78 -20.54
CA ARG A 234 1.58 -8.66 -21.77
C ARG A 234 1.29 -10.00 -22.42
N THR A 235 2.08 -11.03 -22.10
CA THR A 235 1.86 -12.35 -22.68
C THR A 235 0.87 -13.19 -21.88
N THR A 236 0.63 -12.86 -20.61
CA THR A 236 -0.27 -13.63 -19.77
C THR A 236 -1.62 -12.96 -19.71
N PRO A 237 -2.67 -13.54 -20.30
CA PRO A 237 -4.02 -12.99 -20.13
C PRO A 237 -4.45 -13.05 -18.68
N ALA A 238 -5.56 -12.38 -18.39
CA ALA A 238 -6.12 -12.40 -17.04
C ALA A 238 -6.79 -13.73 -16.71
N VAL A 239 -7.13 -14.52 -17.72
CA VAL A 239 -7.80 -15.79 -17.47
C VAL A 239 -6.81 -16.82 -16.93
N THR A 240 -5.61 -16.86 -17.50
CA THR A 240 -4.59 -17.81 -17.04
C THR A 240 -4.11 -17.48 -15.63
N LEU A 241 -3.96 -16.19 -15.30
CA LEU A 241 -3.66 -15.82 -13.92
C LEU A 241 -4.77 -16.25 -12.97
N CYS A 242 -6.01 -16.32 -13.45
CA CYS A 242 -7.15 -16.70 -12.64
C CYS A 242 -7.42 -18.20 -12.69
N ASP A 243 -6.40 -19.01 -12.96
CA ASP A 243 -6.57 -20.47 -13.04
C ASP A 243 -6.99 -21.02 -11.68
N GLY A 244 -8.17 -21.63 -11.64
CA GLY A 244 -8.69 -22.18 -10.41
C GLY A 244 -9.11 -21.17 -9.37
N LEU A 245 -9.26 -19.90 -9.77
CA LEU A 245 -9.64 -18.82 -8.88
C LEU A 245 -10.95 -18.20 -9.35
N PRO A 246 -11.67 -17.52 -8.45
CA PRO A 246 -12.93 -16.87 -8.86
C PRO A 246 -12.70 -15.88 -9.99
N GLN A 247 -13.46 -16.07 -11.07
CA GLN A 247 -13.23 -15.32 -12.32
C GLN A 247 -13.43 -13.82 -12.15
N GLN A 248 -14.09 -13.39 -11.07
CA GLN A 248 -14.24 -11.95 -10.84
C GLN A 248 -12.91 -11.24 -10.64
N PHE A 249 -11.87 -11.98 -10.23
CA PHE A 249 -10.55 -11.38 -10.13
C PHE A 249 -9.95 -11.11 -11.50
N ALA A 250 -10.26 -11.97 -12.49
CA ALA A 250 -9.81 -11.72 -13.84
C ALA A 250 -10.58 -10.56 -14.48
N GLU A 251 -11.88 -10.47 -14.18
CA GLU A 251 -12.68 -9.36 -14.70
C GLU A 251 -12.19 -8.02 -14.18
N TYR A 252 -11.75 -7.99 -12.91
CA TYR A 252 -11.28 -6.73 -12.33
C TYR A 252 -10.03 -6.23 -13.04
N LEU A 253 -9.02 -7.08 -13.18
CA LEU A 253 -7.77 -6.67 -13.79
C LEU A 253 -7.97 -6.26 -15.24
N ASP A 254 -8.81 -6.99 -15.98
CA ASP A 254 -9.08 -6.64 -17.36
C ASP A 254 -9.80 -5.31 -17.48
N SER A 255 -10.70 -5.01 -16.53
CA SER A 255 -11.46 -3.78 -16.61
C SER A 255 -10.60 -2.56 -16.30
N VAL A 256 -9.76 -2.64 -15.27
CA VAL A 256 -8.91 -1.52 -14.92
C VAL A 256 -7.81 -1.28 -15.95
N ARG A 257 -7.49 -2.30 -16.75
CA ARG A 257 -6.54 -2.13 -17.84
C ARG A 257 -7.17 -1.52 -19.09
N SER A 258 -8.49 -1.42 -19.14
CA SER A 258 -9.19 -0.83 -20.27
C SER A 258 -9.70 0.57 -19.96
N LEU A 259 -9.30 1.15 -18.82
CA LEU A 259 -9.75 2.49 -18.45
C LEU A 259 -8.94 3.54 -19.21
N PRO A 260 -9.59 4.58 -19.72
CA PRO A 260 -8.85 5.71 -20.29
C PRO A 260 -7.96 6.37 -19.24
N PHE A 261 -7.05 7.22 -19.73
CA PHE A 261 -6.05 7.83 -18.85
C PHE A 261 -6.71 8.75 -17.83
N ASP A 262 -7.61 9.62 -18.29
CA ASP A 262 -8.25 10.61 -17.42
C ASP A 262 -9.62 10.17 -16.93
N ALA A 263 -9.98 8.90 -17.12
CA ALA A 263 -11.29 8.43 -16.71
C ALA A 263 -11.34 8.18 -15.21
N GLU A 264 -12.55 8.28 -14.66
CA GLU A 264 -12.74 8.05 -13.23
C GLU A 264 -13.19 6.60 -13.02
N PRO A 265 -12.47 5.81 -12.23
CA PRO A 265 -12.80 4.39 -12.09
C PRO A 265 -14.11 4.21 -11.34
N PRO A 266 -14.91 3.21 -11.73
CA PRO A 266 -16.11 2.88 -10.94
C PRO A 266 -15.77 2.10 -9.68
N TYR A 267 -15.42 2.82 -8.60
CA TYR A 267 -14.91 2.15 -7.41
C TYR A 267 -15.97 1.26 -6.78
N GLU A 268 -17.17 1.79 -6.57
CA GLU A 268 -18.24 1.02 -5.94
C GLU A 268 -18.59 -0.22 -6.75
N GLU A 269 -18.50 -0.12 -8.08
CA GLU A 269 -18.83 -1.27 -8.91
C GLU A 269 -17.77 -2.36 -8.80
N TYR A 270 -16.50 -1.97 -8.65
CA TYR A 270 -15.44 -2.95 -8.45
C TYR A 270 -15.60 -3.68 -7.11
N ARG A 271 -15.99 -2.95 -6.07
CA ARG A 271 -16.15 -3.56 -4.75
C ARG A 271 -17.35 -4.51 -4.74
N MET A 272 -18.42 -4.16 -5.47
CA MET A 272 -19.55 -5.07 -5.58
C MET A 272 -19.21 -6.30 -6.42
N LEU A 273 -18.29 -6.14 -7.37
CA LEU A 273 -17.84 -7.29 -8.16
C LEU A 273 -17.07 -8.28 -7.29
N LEU A 274 -16.21 -7.77 -6.40
CA LEU A 274 -15.44 -8.63 -5.51
C LEU A 274 -16.28 -9.19 -4.36
N LEU A 275 -17.39 -8.53 -4.00
CA LEU A 275 -18.26 -9.05 -2.95
C LEU A 275 -19.03 -10.28 -3.43
N SER A 276 -19.53 -10.26 -4.67
CA SER A 276 -20.30 -11.38 -5.18
C SER A 276 -19.51 -12.69 -5.21
N VAL A 277 -18.18 -12.63 -5.04
CA VAL A 277 -17.40 -13.84 -4.86
C VAL A 277 -17.88 -14.59 -3.62
N LEU A 278 -18.14 -13.86 -2.53
CA LEU A 278 -18.59 -14.49 -1.30
C LEU A 278 -20.02 -15.03 -1.44
N ASP A 279 -20.82 -14.46 -2.33
CA ASP A 279 -22.18 -14.95 -2.53
C ASP A 279 -22.18 -16.26 -3.31
N ASP A 280 -21.28 -16.38 -4.30
CA ASP A 280 -21.24 -17.60 -5.10
C ASP A 280 -20.77 -18.79 -4.29
N LEU A 281 -19.99 -18.57 -3.24
CA LEU A 281 -19.36 -19.64 -2.48
C LEU A 281 -19.96 -19.80 -1.08
N GLY A 282 -21.07 -19.10 -0.79
CA GLY A 282 -21.75 -19.27 0.49
C GLY A 282 -20.98 -18.76 1.70
N GLN A 283 -20.33 -17.61 1.58
CA GLN A 283 -19.56 -17.04 2.67
C GLN A 283 -20.12 -15.68 3.06
N ALA A 284 -19.91 -15.32 4.32
CA ALA A 284 -20.32 -14.03 4.85
C ALA A 284 -19.11 -13.12 5.04
N CYS A 285 -19.34 -11.82 4.97
CA CYS A 285 -18.27 -10.84 5.13
C CYS A 285 -18.34 -10.22 6.53
N ASP A 286 -18.08 -11.07 7.52
CA ASP A 286 -18.15 -10.65 8.91
C ASP A 286 -16.87 -9.99 9.40
N GLY A 287 -15.76 -10.12 8.68
CA GLY A 287 -14.48 -9.55 9.09
C GLY A 287 -13.47 -10.57 9.56
N ASP A 288 -13.79 -11.85 9.51
CA ASP A 288 -12.84 -12.90 9.92
C ASP A 288 -11.69 -12.96 8.93
N MET A 289 -10.48 -12.72 9.40
CA MET A 289 -9.28 -12.83 8.58
C MET A 289 -8.43 -14.00 9.03
N ASP A 290 -7.53 -14.42 8.14
CA ASP A 290 -6.74 -15.63 8.38
C ASP A 290 -5.80 -15.48 9.55
N TRP A 291 -5.14 -14.33 9.68
CA TRP A 291 -4.18 -14.14 10.75
C TRP A 291 -4.83 -14.10 12.13
N MET A 292 -6.16 -14.03 12.20
CA MET A 292 -6.88 -14.09 13.46
C MET A 292 -6.94 -15.50 14.03
N HIS A 293 -6.39 -16.49 13.33
CA HIS A 293 -6.34 -17.88 13.80
C HIS A 293 -4.92 -18.34 14.07
N LEU A 294 -3.95 -17.43 14.07
CA LEU A 294 -2.56 -17.79 14.32
C LEU A 294 -2.35 -18.16 15.78
N ASN A 295 -1.45 -19.12 16.00
CA ASN A 295 -0.97 -19.48 17.34
C ASN A 295 -2.11 -19.88 18.27
N GLY A 296 -2.92 -20.83 17.79
CA GLY A 296 -4.00 -21.35 18.61
C GLY A 296 -5.16 -20.41 18.85
N GLY A 297 -5.15 -19.24 18.22
CA GLY A 297 -6.18 -18.23 18.42
C GLY A 297 -5.70 -16.97 19.09
N ARG A 298 -4.49 -16.98 19.67
CA ARG A 298 -3.98 -15.79 20.34
C ARG A 298 -3.73 -14.66 19.34
N GLY A 299 -3.34 -15.00 18.12
CA GLY A 299 -2.96 -14.03 17.13
C GLY A 299 -1.45 -14.06 16.90
N TRP A 300 -0.98 -13.08 16.14
CA TRP A 300 0.43 -13.03 15.77
C TRP A 300 1.29 -12.69 16.98
N ASP A 301 2.43 -13.37 17.08
CA ASP A 301 3.36 -13.21 18.19
C ASP A 301 4.55 -12.36 17.76
N ALA A 302 5.53 -12.23 18.66
CA ALA A 302 6.70 -11.40 18.38
C ALA A 302 7.89 -12.25 17.94
N THR A 303 8.41 -13.08 18.84
CA THR A 303 9.63 -13.83 18.55
C THR A 303 9.37 -15.09 17.73
N ILE A 304 8.14 -15.60 17.70
CA ILE A 304 7.86 -16.84 17.00
C ILE A 304 7.66 -16.58 15.51
N ASN A 305 7.03 -15.46 15.15
CA ASN A 305 6.68 -15.17 13.77
C ASN A 305 7.68 -14.24 13.08
N LYS A 306 8.10 -13.16 13.74
CA LYS A 306 8.97 -12.16 13.11
C LYS A 306 10.31 -12.78 12.72
C1 A1BIP B . 7.21 -0.23 6.00
C10 A1BIP B . 6.41 6.13 7.50
C11 A1BIP B . 6.00 2.61 8.69
C12 A1BIP B . 5.20 2.51 9.93
C13 A1BIP B . 5.42 1.50 10.86
C14 A1BIP B . 4.63 1.45 11.99
C15 A1BIP B . 3.43 3.27 11.34
C16 A1BIP B . 4.15 3.40 10.18
C17 A1BIP B . 6.03 0.17 8.00
C18 A1BIP B . 6.48 -0.69 7.06
C2 A1BIP B . 7.53 1.10 5.85
C3 A1BIP B . 7.06 2.01 6.81
C4 A1BIP B . 6.55 3.70 8.07
C5 A1BIP B . 6.54 5.12 8.47
C6 A1BIP B . 6.62 5.50 9.81
C7 A1BIP B . 6.62 6.84 10.19
C8 A1BIP B . 6.50 7.78 9.21
C9 A1BIP B . 6.40 7.46 7.87
F1 A1BIP B . 7.66 -1.11 5.07
F2 A1BIP B . 6.49 9.09 9.57
N1 A1BIP B . 7.20 3.33 6.92
N2 A1BIP B . 3.65 2.32 12.25
N3 A1BIP B . 6.32 1.51 7.88
CL CL C . 10.76 -10.69 -7.30
#